data_2RCS
#
_entry.id   2RCS
#
_cell.length_a   66.160
_cell.length_b   75.550
_cell.length_c   86.560
_cell.angle_alpha   90.00
_cell.angle_beta   90.00
_cell.angle_gamma   90.00
#
_symmetry.space_group_name_H-M   'P 21 21 21'
#
loop_
_entity.id
_entity.type
_entity.pdbx_description
1 polymer 'IMMUNOGLOBULIN 48G7 GERMLINE FAB'
2 polymer 'IMMUNOGLOBULIN 48G7 GERMLINE FAB'
#
loop_
_entity_poly.entity_id
_entity_poly.type
_entity_poly.pdbx_seq_one_letter_code
_entity_poly.pdbx_strand_id
1 'polypeptide(L)'
;DIQMTQSPSSLSASLGERVSLTCRASQEISGYLSWLQQKPDGTIKRLIYAASTLDSGVPKRFSGSRSGSDYSLTISSLES
EDFADYYCLQYASYPRTFGGGTKVEIKRTVAAPSVFIFPPSDEQLKSGTASVVCLLNNFYPREAKVQWKVDNALQSGNSQ
ESVTEQDSKDSTYSLSSTLTLSKADYEKHKVYACEVTHQGLSSPVTKSFNRGEC
;
L
2 'polypeptide(L)'
;QVQLQQSGAELVKPGASVKLSCTASGFNIKDTYMHWVKQRPEQGLEWIGRIDPANGNTKYDPKFQGKATITADTSSNTAY
LQLSSLTSEDTAVYYCASYYGIYWGQGTTLTVSSASTKGPSVFPLAPSSKSTSGGTAALGCLVKDYFPEPVTVSWNSGAL
TSGVHTFPAVLQSSGLYSLSSVVTVPSSSLGTQTYICNVNHKPSNTKVDKKVEPKSC
;
H
#
# COMPACT_ATOMS: atom_id res chain seq x y z
N ASP A 1 7.98 25.50 -9.46
CA ASP A 1 8.44 24.59 -8.37
C ASP A 1 9.61 23.79 -8.94
N ILE A 2 10.49 23.33 -8.05
CA ILE A 2 11.65 22.55 -8.46
C ILE A 2 11.20 21.07 -8.52
N GLN A 3 11.38 20.46 -9.68
CA GLN A 3 11.00 19.07 -9.84
C GLN A 3 12.21 18.18 -9.57
N MET A 4 12.00 17.14 -8.76
CA MET A 4 13.07 16.19 -8.46
C MET A 4 12.77 14.89 -9.20
N THR A 5 13.59 14.58 -10.19
CA THR A 5 13.42 13.35 -10.98
C THR A 5 14.28 12.24 -10.39
N GLN A 6 13.64 11.33 -9.66
CA GLN A 6 14.34 10.23 -9.01
C GLN A 6 14.22 8.96 -9.83
N SER A 7 15.36 8.31 -10.04
CA SER A 7 15.43 7.08 -10.82
C SER A 7 16.57 6.18 -10.30
N PRO A 8 16.40 4.85 -10.37
CA PRO A 8 15.19 4.18 -10.89
C PRO A 8 14.11 4.18 -9.82
N SER A 9 12.87 3.86 -10.19
CA SER A 9 11.79 3.84 -9.21
C SER A 9 11.83 2.54 -8.41
N SER A 10 12.50 1.54 -8.98
CA SER A 10 12.63 0.25 -8.32
C SER A 10 14.06 -0.23 -8.51
N LEU A 11 14.56 -0.95 -7.51
CA LEU A 11 15.91 -1.48 -7.52
C LEU A 11 15.92 -2.88 -6.89
N SER A 12 16.46 -3.86 -7.62
CA SER A 12 16.52 -5.22 -7.12
C SER A 12 17.97 -5.58 -6.83
N ALA A 13 18.25 -5.99 -5.60
CA ALA A 13 19.60 -6.32 -5.22
C ALA A 13 19.64 -7.39 -4.14
N SER A 14 20.83 -7.91 -3.88
CA SER A 14 20.99 -8.94 -2.86
C SER A 14 21.87 -8.43 -1.72
N LEU A 15 21.95 -9.20 -0.65
CA LEU A 15 22.75 -8.86 0.51
C LEU A 15 24.22 -8.78 0.11
N GLY A 16 24.90 -7.74 0.60
CA GLY A 16 26.31 -7.56 0.31
C GLY A 16 26.64 -6.77 -0.94
N GLU A 17 25.66 -6.57 -1.83
CA GLU A 17 25.88 -5.84 -3.06
C GLU A 17 25.73 -4.34 -2.82
N ARG A 18 26.23 -3.54 -3.76
CA ARG A 18 26.11 -2.08 -3.65
C ARG A 18 25.08 -1.65 -4.67
N VAL A 19 24.36 -0.59 -4.37
CA VAL A 19 23.35 -0.03 -5.24
C VAL A 19 23.37 1.49 -5.16
N SER A 20 22.87 2.14 -6.20
CA SER A 20 22.81 3.59 -6.25
C SER A 20 21.51 4.05 -6.92
N LEU A 21 21.01 5.18 -6.45
CA LEU A 21 19.80 5.81 -6.99
C LEU A 21 20.15 7.28 -7.12
N THR A 22 19.52 7.96 -8.06
CA THR A 22 19.84 9.36 -8.32
C THR A 22 18.59 10.24 -8.38
N CYS A 23 18.81 11.53 -8.13
CA CYS A 23 17.79 12.57 -8.20
C CYS A 23 18.38 13.68 -9.02
N ARG A 24 17.57 14.23 -9.93
CA ARG A 24 17.98 15.32 -10.79
C ARG A 24 17.04 16.48 -10.53
N ALA A 25 17.61 17.63 -10.19
CA ALA A 25 16.83 18.83 -9.90
C ALA A 25 16.61 19.63 -11.19
N SER A 26 15.39 20.14 -11.39
CA SER A 26 15.05 20.92 -12.59
C SER A 26 15.71 22.30 -12.61
N GLN A 27 16.19 22.75 -11.44
CA GLN A 27 16.85 24.04 -11.28
C GLN A 27 18.06 23.84 -10.38
N GLU A 28 18.96 24.83 -10.38
CA GLU A 28 20.16 24.78 -9.57
C GLU A 28 19.79 24.82 -8.09
N ILE A 29 20.10 23.75 -7.36
CA ILE A 29 19.81 23.74 -5.92
C ILE A 29 21.10 23.65 -5.09
N SER A 30 22.23 23.75 -5.76
CA SER A 30 23.56 23.69 -5.12
C SER A 30 23.71 22.87 -3.83
N GLY A 31 23.38 21.58 -3.92
CA GLY A 31 23.54 20.71 -2.78
C GLY A 31 22.59 20.90 -1.59
N TYR A 32 21.49 21.61 -1.76
CA TYR A 32 20.52 21.81 -0.68
C TYR A 32 19.58 20.60 -0.81
N LEU A 33 20.13 19.42 -0.61
CA LEU A 33 19.38 18.19 -0.77
C LEU A 33 19.60 17.22 0.38
N SER A 34 18.55 16.47 0.68
CA SER A 34 18.57 15.47 1.74
C SER A 34 18.02 14.15 1.20
N TRP A 35 18.44 13.06 1.83
CA TRP A 35 18.00 11.72 1.46
C TRP A 35 17.29 11.12 2.68
N LEU A 36 16.07 10.65 2.47
CA LEU A 36 15.25 10.07 3.52
C LEU A 36 14.98 8.61 3.23
N GLN A 37 14.85 7.82 4.29
CA GLN A 37 14.56 6.40 4.18
C GLN A 37 13.26 6.13 4.94
N GLN A 38 12.37 5.38 4.31
CA GLN A 38 11.10 5.00 4.94
C GLN A 38 11.07 3.47 4.97
N LYS A 39 11.01 2.91 6.17
CA LYS A 39 10.99 1.45 6.36
C LYS A 39 9.58 0.90 6.12
N PRO A 40 9.45 -0.43 6.00
CA PRO A 40 8.14 -1.08 5.76
C PRO A 40 7.07 -0.75 6.79
N ASP A 41 7.48 -0.34 7.99
CA ASP A 41 6.52 0.00 9.04
C ASP A 41 6.03 1.47 9.01
N GLY A 42 6.52 2.24 8.03
CA GLY A 42 6.09 3.63 7.91
C GLY A 42 7.00 4.71 8.49
N THR A 43 7.88 4.35 9.41
CA THR A 43 8.78 5.33 10.02
C THR A 43 9.78 5.91 8.99
N ILE A 44 10.05 7.19 9.11
CA ILE A 44 10.98 7.89 8.20
C ILE A 44 12.17 8.46 8.97
N LYS A 45 13.35 8.39 8.37
CA LYS A 45 14.57 8.90 8.98
C LYS A 45 15.39 9.56 7.89
N ARG A 46 16.13 10.61 8.25
CA ARG A 46 16.99 11.27 7.29
C ARG A 46 18.34 10.59 7.42
N LEU A 47 18.94 10.26 6.28
CA LEU A 47 20.25 9.62 6.29
C LEU A 47 21.36 10.61 5.93
N ILE A 48 21.08 11.51 5.00
CA ILE A 48 22.06 12.48 4.52
C ILE A 48 21.47 13.87 4.19
N TYR A 49 22.25 14.92 4.46
CA TYR A 49 21.85 16.30 4.16
C TYR A 49 23.00 16.96 3.41
N ALA A 50 22.73 18.09 2.76
CA ALA A 50 23.75 18.82 2.00
C ALA A 50 24.40 17.93 0.96
N ALA A 51 23.59 17.02 0.40
CA ALA A 51 23.97 16.07 -0.62
C ALA A 51 24.93 14.95 -0.21
N SER A 52 25.95 15.28 0.57
CA SER A 52 26.94 14.28 0.98
C SER A 52 27.26 14.10 2.46
N THR A 53 26.63 14.86 3.35
CA THR A 53 26.91 14.75 4.78
C THR A 53 25.97 13.79 5.52
N LEU A 54 26.55 12.78 6.17
CA LEU A 54 25.78 11.81 6.93
C LEU A 54 25.35 12.33 8.28
N ASP A 55 24.11 12.03 8.68
CA ASP A 55 23.64 12.45 9.99
C ASP A 55 24.25 11.50 11.03
N SER A 56 24.14 11.86 12.29
CA SER A 56 24.67 11.04 13.37
C SER A 56 23.89 9.72 13.43
N GLY A 57 24.60 8.64 13.73
CA GLY A 57 23.95 7.35 13.85
C GLY A 57 23.79 6.56 12.55
N VAL A 58 23.89 7.23 11.42
CA VAL A 58 23.73 6.56 10.12
C VAL A 58 24.99 5.74 9.77
N PRO A 59 24.81 4.45 9.41
CA PRO A 59 25.90 3.52 9.04
C PRO A 59 26.82 3.98 7.90
N LYS A 60 28.08 3.60 7.99
CA LYS A 60 29.10 3.98 7.00
C LYS A 60 28.87 3.53 5.57
N ARG A 61 28.01 2.53 5.39
CA ARG A 61 27.73 2.01 4.05
C ARG A 61 26.90 2.99 3.20
N PHE A 62 26.42 4.06 3.82
CA PHE A 62 25.63 5.07 3.11
C PHE A 62 26.51 6.27 2.72
N SER A 63 26.45 6.68 1.46
CA SER A 63 27.22 7.83 0.99
C SER A 63 26.42 8.58 -0.09
N GLY A 64 26.65 9.88 -0.17
CA GLY A 64 25.97 10.71 -1.17
C GLY A 64 26.99 11.50 -1.98
N SER A 65 26.67 11.77 -3.23
CA SER A 65 27.58 12.54 -4.07
C SER A 65 26.84 13.44 -5.07
N ARG A 66 27.57 14.45 -5.54
CA ARG A 66 27.04 15.41 -6.51
C ARG A 66 27.84 15.32 -7.81
N SER A 67 27.13 15.45 -8.93
CA SER A 67 27.72 15.41 -10.27
C SER A 67 26.86 16.38 -11.11
N GLY A 68 27.18 17.66 -11.02
CA GLY A 68 26.41 18.65 -11.73
C GLY A 68 25.11 18.76 -10.96
N SER A 69 23.99 18.51 -11.62
CA SER A 69 22.70 18.57 -10.92
C SER A 69 22.14 17.18 -10.60
N ASP A 70 22.98 16.16 -10.80
CA ASP A 70 22.62 14.78 -10.50
C ASP A 70 23.17 14.44 -9.11
N TYR A 71 22.27 14.10 -8.18
CA TYR A 71 22.64 13.75 -6.81
C TYR A 71 22.33 12.28 -6.57
N SER A 72 23.31 11.53 -6.10
CA SER A 72 23.12 10.11 -5.89
C SER A 72 23.37 9.67 -4.47
N LEU A 73 22.72 8.57 -4.09
CA LEU A 73 22.84 7.91 -2.80
C LEU A 73 23.30 6.50 -3.12
N THR A 74 24.37 6.06 -2.48
CA THR A 74 24.92 4.74 -2.70
C THR A 74 24.90 3.96 -1.40
N ILE A 75 24.45 2.71 -1.48
CA ILE A 75 24.43 1.83 -0.32
C ILE A 75 25.38 0.70 -0.65
N SER A 76 26.51 0.69 0.05
CA SER A 76 27.51 -0.34 -0.15
C SER A 76 27.21 -1.44 0.84
N SER A 77 27.63 -2.67 0.53
CA SER A 77 27.41 -3.80 1.43
C SER A 77 26.00 -3.84 2.01
N LEU A 78 25.00 -3.92 1.13
CA LEU A 78 23.61 -3.97 1.54
C LEU A 78 23.35 -4.94 2.68
N GLU A 79 22.55 -4.48 3.64
CA GLU A 79 22.15 -5.30 4.77
C GLU A 79 20.64 -5.47 4.72
N SER A 80 20.09 -6.34 5.58
CA SER A 80 18.66 -6.62 5.59
C SER A 80 17.71 -5.44 5.79
N GLU A 81 18.07 -4.54 6.69
CA GLU A 81 17.23 -3.38 6.99
C GLU A 81 17.23 -2.33 5.87
N ASP A 82 18.09 -2.50 4.89
CA ASP A 82 18.19 -1.53 3.80
C ASP A 82 17.10 -1.71 2.74
N PHE A 83 16.38 -2.84 2.80
CA PHE A 83 15.28 -3.18 1.88
C PHE A 83 14.15 -2.23 2.32
N ALA A 84 14.17 -1.02 1.76
CA ALA A 84 13.20 0.03 2.09
C ALA A 84 12.95 0.98 0.92
N ASP A 85 12.27 2.09 1.22
CA ASP A 85 11.98 3.12 0.22
C ASP A 85 12.81 4.34 0.54
N TYR A 86 13.32 5.00 -0.49
CA TYR A 86 14.15 6.20 -0.33
C TYR A 86 13.58 7.38 -1.10
N TYR A 87 13.75 8.57 -0.56
CA TYR A 87 13.26 9.80 -1.19
C TYR A 87 14.26 10.93 -1.06
N CYS A 88 14.46 11.71 -2.11
CA CYS A 88 15.35 12.85 -2.01
C CYS A 88 14.41 14.01 -1.73
N LEU A 89 14.93 15.02 -1.05
CA LEU A 89 14.15 16.20 -0.68
C LEU A 89 15.03 17.44 -0.87
N GLN A 90 14.51 18.44 -1.56
CA GLN A 90 15.25 19.69 -1.78
C GLN A 90 14.72 20.76 -0.81
N TYR A 91 15.65 21.46 -0.16
CA TYR A 91 15.29 22.53 0.77
C TYR A 91 15.88 23.86 0.30
N ALA A 92 16.02 24.01 -1.01
CA ALA A 92 16.53 25.24 -1.59
C ALA A 92 15.41 26.28 -1.67
N SER A 93 14.18 25.84 -1.90
CA SER A 93 13.08 26.80 -2.01
C SER A 93 11.71 26.22 -1.72
N TYR A 94 10.74 27.11 -1.48
CA TYR A 94 9.38 26.72 -1.19
C TYR A 94 8.62 26.78 -2.51
N PRO A 95 7.73 25.84 -2.73
CA PRO A 95 7.44 24.75 -1.77
C PRO A 95 8.49 23.62 -1.76
N ARG A 96 8.54 22.88 -0.66
CA ARG A 96 9.46 21.76 -0.55
C ARG A 96 8.97 20.68 -1.51
N THR A 97 9.90 20.02 -2.21
CA THR A 97 9.53 18.96 -3.15
C THR A 97 10.37 17.71 -2.94
N PHE A 98 9.74 16.57 -3.11
CA PHE A 98 10.38 15.26 -2.96
C PHE A 98 10.49 14.55 -4.29
N GLY A 99 11.38 13.56 -4.35
CA GLY A 99 11.54 12.75 -5.53
C GLY A 99 10.39 11.75 -5.50
N GLY A 100 10.20 11.00 -6.58
CA GLY A 100 9.11 10.04 -6.63
C GLY A 100 9.29 8.83 -5.72
N GLY A 101 10.52 8.57 -5.32
CA GLY A 101 10.79 7.45 -4.47
C GLY A 101 11.46 6.31 -5.23
N THR A 102 12.19 5.46 -4.49
CA THR A 102 12.86 4.30 -5.05
C THR A 102 12.72 3.13 -4.09
N LYS A 103 12.16 2.03 -4.57
CA LYS A 103 11.98 0.84 -3.75
C LYS A 103 13.20 -0.08 -3.91
N VAL A 104 13.85 -0.45 -2.81
CA VAL A 104 14.98 -1.35 -2.87
C VAL A 104 14.47 -2.69 -2.36
N GLU A 105 14.32 -3.62 -3.27
CA GLU A 105 13.81 -4.93 -2.90
C GLU A 105 14.80 -6.04 -3.21
N ILE A 106 14.49 -7.22 -2.69
CA ILE A 106 15.34 -8.40 -2.80
C ILE A 106 15.37 -9.08 -4.17
N LYS A 107 16.57 -9.21 -4.72
CA LYS A 107 16.79 -9.82 -6.02
C LYS A 107 16.52 -11.32 -5.90
N ARG A 108 15.98 -11.90 -6.95
CA ARG A 108 15.63 -13.31 -6.95
C ARG A 108 15.54 -13.71 -8.42
N THR A 109 15.55 -15.01 -8.72
CA THR A 109 15.41 -15.49 -10.10
C THR A 109 13.96 -15.24 -10.53
N VAL A 110 13.70 -15.27 -11.83
CA VAL A 110 12.35 -15.04 -12.31
C VAL A 110 11.44 -16.21 -11.89
N ALA A 111 10.19 -15.88 -11.57
CA ALA A 111 9.20 -16.89 -11.19
C ALA A 111 7.85 -16.50 -11.81
N ALA A 112 7.36 -17.30 -12.74
CA ALA A 112 6.09 -17.01 -13.41
C ALA A 112 4.96 -17.26 -12.39
N PRO A 113 3.87 -16.48 -12.45
CA PRO A 113 2.76 -16.65 -11.52
C PRO A 113 1.84 -17.82 -11.88
N SER A 114 1.22 -18.41 -10.86
CA SER A 114 0.25 -19.48 -11.06
C SER A 114 -1.05 -18.65 -11.08
N VAL A 115 -1.73 -18.63 -12.22
CA VAL A 115 -2.95 -17.84 -12.37
C VAL A 115 -4.24 -18.66 -12.22
N PHE A 116 -5.16 -18.14 -11.41
CA PHE A 116 -6.44 -18.79 -11.15
C PHE A 116 -7.55 -17.76 -11.31
N ILE A 117 -8.71 -18.19 -11.80
CA ILE A 117 -9.85 -17.29 -11.93
C ILE A 117 -11.02 -17.92 -11.16
N PHE A 118 -11.69 -17.12 -10.32
CA PHE A 118 -12.80 -17.60 -9.50
C PHE A 118 -14.13 -16.92 -9.84
N PRO A 119 -15.14 -17.70 -10.22
CA PRO A 119 -16.45 -17.12 -10.55
C PRO A 119 -17.10 -16.68 -9.22
N PRO A 120 -18.05 -15.73 -9.28
CA PRO A 120 -18.73 -15.25 -8.07
C PRO A 120 -19.63 -16.34 -7.47
N SER A 121 -19.70 -16.39 -6.15
CA SER A 121 -20.51 -17.38 -5.46
C SER A 121 -21.99 -17.09 -5.61
N ASP A 122 -22.80 -18.14 -5.69
CA ASP A 122 -24.24 -17.97 -5.82
C ASP A 122 -24.85 -17.23 -4.64
N GLU A 123 -24.19 -17.31 -3.49
CA GLU A 123 -24.67 -16.63 -2.29
C GLU A 123 -24.54 -15.12 -2.50
N GLN A 124 -23.53 -14.70 -3.26
CA GLN A 124 -23.34 -13.27 -3.50
C GLN A 124 -24.28 -12.80 -4.60
N LEU A 125 -24.43 -13.60 -5.64
CA LEU A 125 -25.29 -13.25 -6.77
C LEU A 125 -26.70 -12.88 -6.31
N LYS A 126 -27.28 -13.71 -5.46
CA LYS A 126 -28.62 -13.45 -4.97
C LYS A 126 -28.77 -12.17 -4.14
N SER A 127 -27.66 -11.65 -3.64
CA SER A 127 -27.69 -10.41 -2.85
C SER A 127 -27.59 -9.16 -3.74
N GLY A 128 -27.48 -9.37 -5.05
CA GLY A 128 -27.40 -8.26 -5.99
C GLY A 128 -26.09 -7.94 -6.69
N THR A 129 -24.96 -8.41 -6.15
CA THR A 129 -23.66 -8.14 -6.78
C THR A 129 -22.88 -9.37 -7.23
N ALA A 130 -21.84 -9.14 -8.03
CA ALA A 130 -21.01 -10.22 -8.54
C ALA A 130 -19.53 -9.81 -8.54
N SER A 131 -18.72 -10.55 -7.81
CA SER A 131 -17.28 -10.28 -7.74
C SER A 131 -16.49 -11.45 -8.32
N VAL A 132 -15.80 -11.17 -9.42
CA VAL A 132 -14.98 -12.18 -10.08
C VAL A 132 -13.55 -11.86 -9.71
N VAL A 133 -12.83 -12.81 -9.10
CA VAL A 133 -11.45 -12.55 -8.73
C VAL A 133 -10.39 -13.35 -9.51
N CYS A 134 -9.31 -12.69 -9.85
CA CYS A 134 -8.23 -13.31 -10.58
C CYS A 134 -7.06 -13.31 -9.62
N LEU A 135 -6.44 -14.45 -9.42
CA LEU A 135 -5.31 -14.58 -8.52
C LEU A 135 -4.01 -14.90 -9.24
N LEU A 136 -2.97 -14.12 -8.92
CA LEU A 136 -1.63 -14.33 -9.46
C LEU A 136 -0.82 -14.76 -8.24
N ASN A 137 -0.52 -16.05 -8.16
CA ASN A 137 0.20 -16.61 -7.03
C ASN A 137 1.71 -16.79 -7.21
N ASN A 138 2.43 -16.33 -6.19
CA ASN A 138 3.89 -16.42 -6.10
C ASN A 138 4.66 -16.16 -7.38
N PHE A 139 4.95 -14.90 -7.62
CA PHE A 139 5.70 -14.50 -8.82
C PHE A 139 6.79 -13.49 -8.51
N TYR A 140 7.74 -13.36 -9.43
CA TYR A 140 8.85 -12.42 -9.32
C TYR A 140 9.34 -12.12 -10.76
N PRO A 141 9.61 -10.85 -11.09
CA PRO A 141 9.50 -9.64 -10.27
C PRO A 141 8.07 -9.11 -10.08
N ARG A 142 7.94 -8.01 -9.35
CA ARG A 142 6.65 -7.40 -9.04
C ARG A 142 5.84 -6.97 -10.26
N GLU A 143 6.54 -6.56 -11.32
CA GLU A 143 5.90 -6.12 -12.54
C GLU A 143 4.98 -7.17 -13.19
N ALA A 144 3.68 -6.87 -13.24
CA ALA A 144 2.67 -7.76 -13.84
C ALA A 144 1.43 -6.99 -14.30
N LYS A 145 0.89 -7.35 -15.47
CA LYS A 145 -0.30 -6.68 -15.98
C LYS A 145 -1.49 -7.62 -16.01
N VAL A 146 -2.62 -7.15 -15.48
CA VAL A 146 -3.86 -7.93 -15.45
C VAL A 146 -4.94 -7.17 -16.21
N GLN A 147 -5.49 -7.81 -17.24
CA GLN A 147 -6.54 -7.19 -18.03
C GLN A 147 -7.81 -8.03 -17.99
N TRP A 148 -8.92 -7.39 -17.66
CA TRP A 148 -10.20 -8.07 -17.61
C TRP A 148 -10.92 -7.85 -18.94
N LYS A 149 -11.34 -8.94 -19.55
CA LYS A 149 -12.05 -8.88 -20.80
C LYS A 149 -13.36 -9.65 -20.69
N VAL A 150 -14.46 -8.92 -20.86
CA VAL A 150 -15.79 -9.49 -20.80
C VAL A 150 -16.32 -9.52 -22.24
N ASP A 151 -16.45 -10.72 -22.78
CA ASP A 151 -16.89 -10.92 -24.16
C ASP A 151 -15.92 -10.21 -25.08
N ASN A 152 -14.63 -10.39 -24.78
CA ASN A 152 -13.53 -9.79 -25.50
C ASN A 152 -13.37 -8.30 -25.31
N ALA A 153 -14.41 -7.63 -24.87
CA ALA A 153 -14.34 -6.19 -24.63
C ALA A 153 -13.50 -5.87 -23.39
N LEU A 154 -12.43 -5.10 -23.58
CA LEU A 154 -11.53 -4.72 -22.51
C LEU A 154 -12.22 -3.87 -21.44
N GLN A 155 -12.06 -4.25 -20.19
CA GLN A 155 -12.68 -3.56 -19.08
C GLN A 155 -11.77 -2.46 -18.53
N SER A 156 -12.36 -1.43 -17.96
CA SER A 156 -11.62 -0.32 -17.40
C SER A 156 -12.43 0.33 -16.28
N GLY A 157 -11.76 0.63 -15.17
CA GLY A 157 -12.41 1.28 -14.05
C GLY A 157 -13.33 0.50 -13.13
N ASN A 158 -13.59 -0.76 -13.45
CA ASN A 158 -14.48 -1.58 -12.63
C ASN A 158 -13.78 -2.72 -11.90
N SER A 159 -12.48 -2.59 -11.74
CA SER A 159 -11.68 -3.58 -11.04
C SER A 159 -10.69 -2.89 -10.09
N GLN A 160 -10.20 -3.63 -9.11
CA GLN A 160 -9.25 -3.14 -8.13
C GLN A 160 -8.18 -4.20 -7.85
N GLU A 161 -6.94 -3.75 -7.67
CA GLU A 161 -5.82 -4.66 -7.41
C GLU A 161 -5.31 -4.53 -5.99
N SER A 162 -4.71 -5.62 -5.52
CA SER A 162 -4.12 -5.68 -4.19
C SER A 162 -2.90 -6.61 -4.33
N VAL A 163 -1.76 -6.18 -3.79
CA VAL A 163 -0.52 -6.98 -3.85
C VAL A 163 0.12 -7.15 -2.45
N THR A 164 0.62 -8.36 -2.20
CA THR A 164 1.28 -8.70 -0.93
C THR A 164 2.70 -8.13 -0.88
N GLU A 165 3.31 -8.15 0.30
CA GLU A 165 4.69 -7.67 0.47
C GLU A 165 5.58 -8.86 0.14
N GLN A 166 6.77 -8.60 -0.36
CA GLN A 166 7.73 -9.64 -0.72
C GLN A 166 7.76 -10.70 0.38
N ASP A 167 7.55 -11.95 0.00
CA ASP A 167 7.52 -13.07 0.93
C ASP A 167 8.85 -13.31 1.66
N SER A 168 8.78 -13.43 2.98
CA SER A 168 9.96 -13.65 3.81
C SER A 168 10.76 -14.91 3.46
N LYS A 169 10.07 -15.97 3.06
CA LYS A 169 10.75 -17.23 2.75
C LYS A 169 11.24 -17.41 1.30
N ASP A 170 10.42 -17.08 0.31
CA ASP A 170 10.85 -17.23 -1.10
C ASP A 170 10.99 -15.95 -1.93
N SER A 171 10.79 -14.80 -1.29
CA SER A 171 10.92 -13.48 -1.95
C SER A 171 9.99 -13.23 -3.16
N THR A 172 8.87 -13.93 -3.23
CA THR A 172 7.91 -13.70 -4.32
C THR A 172 6.78 -12.77 -3.88
N TYR A 173 5.96 -12.37 -4.84
CA TYR A 173 4.81 -11.51 -4.60
C TYR A 173 3.57 -12.29 -5.04
N SER A 174 2.40 -11.87 -4.57
CA SER A 174 1.14 -12.48 -4.99
C SER A 174 0.20 -11.30 -5.17
N LEU A 175 -0.69 -11.39 -6.14
CA LEU A 175 -1.60 -10.30 -6.45
C LEU A 175 -3.01 -10.82 -6.73
N SER A 176 -4.01 -10.04 -6.32
CA SER A 176 -5.40 -10.41 -6.57
C SER A 176 -6.07 -9.23 -7.28
N SER A 177 -6.88 -9.53 -8.28
CA SER A 177 -7.59 -8.52 -9.03
C SER A 177 -9.06 -8.91 -8.90
N THR A 178 -9.90 -7.94 -8.55
CA THR A 178 -11.33 -8.18 -8.38
C THR A 178 -12.20 -7.30 -9.28
N LEU A 179 -12.97 -7.94 -10.16
CA LEU A 179 -13.87 -7.26 -11.07
C LEU A 179 -15.21 -7.21 -10.34
N THR A 180 -15.81 -6.03 -10.22
CA THR A 180 -17.09 -5.90 -9.53
C THR A 180 -18.23 -5.36 -10.40
N LEU A 181 -19.26 -6.18 -10.62
CA LEU A 181 -20.42 -5.83 -11.43
C LEU A 181 -21.72 -6.10 -10.68
N SER A 182 -22.81 -5.49 -11.14
CA SER A 182 -24.12 -5.69 -10.54
C SER A 182 -24.62 -7.00 -11.13
N LYS A 183 -25.54 -7.67 -10.45
CA LYS A 183 -26.08 -8.95 -10.95
C LYS A 183 -26.61 -8.77 -12.38
N ALA A 184 -27.24 -7.62 -12.63
CA ALA A 184 -27.82 -7.31 -13.94
C ALA A 184 -26.77 -7.21 -15.07
N ASP A 185 -25.73 -6.40 -14.87
CA ASP A 185 -24.70 -6.25 -15.90
C ASP A 185 -23.86 -7.52 -16.07
N TYR A 186 -23.76 -8.30 -14.99
CA TYR A 186 -23.02 -9.56 -14.99
C TYR A 186 -23.74 -10.54 -15.93
N GLU A 187 -25.06 -10.64 -15.77
CA GLU A 187 -25.89 -11.56 -16.57
C GLU A 187 -26.03 -11.17 -18.05
N LYS A 188 -25.54 -9.98 -18.40
CA LYS A 188 -25.59 -9.50 -19.78
C LYS A 188 -24.45 -10.07 -20.65
N HIS A 189 -23.53 -10.82 -20.04
CA HIS A 189 -22.40 -11.35 -20.78
C HIS A 189 -22.13 -12.81 -20.45
N LYS A 190 -21.37 -13.49 -21.30
CA LYS A 190 -21.06 -14.89 -21.05
C LYS A 190 -19.61 -15.22 -20.61
N VAL A 191 -18.62 -14.89 -21.45
CA VAL A 191 -17.23 -15.18 -21.12
C VAL A 191 -16.52 -14.10 -20.31
N TYR A 192 -15.98 -14.51 -19.17
CA TYR A 192 -15.23 -13.64 -18.28
C TYR A 192 -13.78 -14.09 -18.35
N ALA A 193 -12.89 -13.21 -18.78
CA ALA A 193 -11.49 -13.57 -18.92
C ALA A 193 -10.53 -12.63 -18.23
N CYS A 194 -9.46 -13.23 -17.72
CA CYS A 194 -8.40 -12.51 -17.03
C CYS A 194 -7.10 -12.81 -17.78
N GLU A 195 -6.55 -11.78 -18.43
CA GLU A 195 -5.31 -11.93 -19.18
C GLU A 195 -4.14 -11.37 -18.38
N VAL A 196 -3.16 -12.24 -18.10
CA VAL A 196 -1.98 -11.88 -17.32
C VAL A 196 -0.70 -11.83 -18.17
N THR A 197 0.02 -10.73 -18.04
CA THR A 197 1.29 -10.55 -18.75
C THR A 197 2.36 -10.43 -17.66
N HIS A 198 3.39 -11.26 -17.76
CA HIS A 198 4.49 -11.25 -16.79
C HIS A 198 5.75 -11.82 -17.45
N GLN A 199 6.89 -11.25 -17.13
CA GLN A 199 8.19 -11.65 -17.68
C GLN A 199 8.47 -13.17 -17.68
N GLY A 200 8.00 -13.86 -16.65
CA GLY A 200 8.20 -15.29 -16.54
C GLY A 200 7.33 -16.14 -17.45
N LEU A 201 6.42 -15.52 -18.19
CA LEU A 201 5.54 -16.22 -19.11
C LEU A 201 5.98 -15.87 -20.55
N SER A 202 6.12 -16.86 -21.41
CA SER A 202 6.55 -16.64 -22.80
C SER A 202 5.59 -15.66 -23.51
N SER A 203 4.30 -15.94 -23.35
CA SER A 203 3.21 -15.15 -23.92
C SER A 203 2.18 -14.96 -22.80
N PRO A 204 1.33 -13.93 -22.89
CA PRO A 204 0.32 -13.69 -21.85
C PRO A 204 -0.58 -14.91 -21.73
N VAL A 205 -0.93 -15.26 -20.50
CA VAL A 205 -1.82 -16.39 -20.24
C VAL A 205 -3.20 -15.84 -19.90
N THR A 206 -4.23 -16.44 -20.49
CA THR A 206 -5.61 -16.01 -20.24
C THR A 206 -6.36 -17.14 -19.56
N LYS A 207 -7.05 -16.80 -18.49
CA LYS A 207 -7.86 -17.75 -17.74
C LYS A 207 -9.28 -17.25 -17.86
N SER A 208 -10.19 -18.13 -18.25
CA SER A 208 -11.57 -17.72 -18.41
C SER A 208 -12.58 -18.78 -18.03
N PHE A 209 -13.82 -18.32 -17.91
CA PHE A 209 -14.94 -19.19 -17.60
C PHE A 209 -16.17 -18.62 -18.30
N ASN A 210 -17.14 -19.48 -18.57
CA ASN A 210 -18.35 -19.09 -19.26
C ASN A 210 -19.54 -19.08 -18.29
N ARG A 211 -20.05 -17.90 -17.99
CA ARG A 211 -21.19 -17.76 -17.10
C ARG A 211 -22.33 -18.54 -17.76
N GLY A 212 -23.11 -19.25 -16.96
CA GLY A 212 -24.19 -20.02 -17.54
C GLY A 212 -23.80 -21.49 -17.49
N GLU A 213 -22.49 -21.73 -17.54
CA GLU A 213 -21.97 -23.09 -17.44
C GLU A 213 -21.73 -23.36 -15.95
N CYS A 214 -21.90 -22.31 -15.14
CA CYS A 214 -21.73 -22.38 -13.69
C CYS A 214 -23.12 -22.51 -13.04
N GLN B 1 17.83 10.89 19.92
CA GLN B 1 17.17 10.49 21.21
C GLN B 1 16.22 11.59 21.65
N VAL B 2 15.60 12.21 20.65
CA VAL B 2 14.62 13.29 20.78
C VAL B 2 13.48 12.74 19.91
N GLN B 3 12.23 13.08 20.20
CA GLN B 3 11.15 12.54 19.39
C GLN B 3 9.92 13.40 19.14
N LEU B 4 9.13 12.99 18.15
CA LEU B 4 7.90 13.66 17.77
C LEU B 4 6.82 12.59 17.86
N GLN B 5 5.84 12.80 18.72
CA GLN B 5 4.76 11.84 18.91
C GLN B 5 3.47 12.39 18.31
N GLN B 6 2.92 11.66 17.35
CA GLN B 6 1.69 12.09 16.70
C GLN B 6 0.47 11.43 17.33
N SER B 7 -0.69 12.06 17.15
CA SER B 7 -1.95 11.56 17.68
C SER B 7 -2.39 10.28 16.99
N GLY B 8 -3.39 9.61 17.57
CA GLY B 8 -3.87 8.36 17.01
C GLY B 8 -4.67 8.44 15.72
N ALA B 9 -4.89 7.28 15.12
CA ALA B 9 -5.64 7.16 13.88
C ALA B 9 -7.04 7.78 14.02
N GLU B 10 -7.54 8.31 12.92
CA GLU B 10 -8.85 8.96 12.88
C GLU B 10 -9.72 8.34 11.82
N LEU B 11 -11.01 8.27 12.13
CA LEU B 11 -12.02 7.76 11.21
C LEU B 11 -13.00 8.91 11.18
N VAL B 12 -13.04 9.65 10.08
CA VAL B 12 -13.91 10.80 9.99
C VAL B 12 -14.79 10.78 8.74
N LYS B 13 -16.00 11.32 8.86
CA LYS B 13 -16.95 11.34 7.75
C LYS B 13 -16.66 12.53 6.84
N PRO B 14 -16.93 12.38 5.53
CA PRO B 14 -16.68 13.50 4.60
C PRO B 14 -17.53 14.73 4.94
N GLY B 15 -17.04 15.90 4.55
CA GLY B 15 -17.74 17.14 4.83
C GLY B 15 -17.36 17.69 6.19
N ALA B 16 -16.80 16.84 7.05
CA ALA B 16 -16.37 17.23 8.39
C ALA B 16 -14.94 17.75 8.40
N SER B 17 -14.41 17.96 9.59
CA SER B 17 -13.05 18.47 9.76
C SER B 17 -12.35 17.67 10.86
N VAL B 18 -11.02 17.64 10.82
CA VAL B 18 -10.21 16.94 11.82
C VAL B 18 -8.98 17.78 12.17
N LYS B 19 -8.48 17.59 13.38
CA LYS B 19 -7.30 18.29 13.83
C LYS B 19 -6.37 17.23 14.39
N LEU B 20 -5.22 17.07 13.74
CA LEU B 20 -4.25 16.08 14.17
C LEU B 20 -3.20 16.83 14.96
N SER B 21 -2.43 16.11 15.77
CA SER B 21 -1.40 16.77 16.56
C SER B 21 -0.04 16.06 16.46
N CYS B 22 0.99 16.79 16.86
CA CYS B 22 2.36 16.31 16.87
C CYS B 22 3.05 16.98 18.06
N THR B 23 3.35 16.19 19.09
CA THR B 23 4.00 16.71 20.28
C THR B 23 5.50 16.39 20.34
N ALA B 24 6.30 17.44 20.50
CA ALA B 24 7.76 17.32 20.55
C ALA B 24 8.29 17.19 21.97
N SER B 25 9.33 16.37 22.12
CA SER B 25 9.96 16.18 23.43
C SER B 25 11.47 16.06 23.23
N GLY B 26 12.23 16.88 23.93
CA GLY B 26 13.68 16.85 23.80
C GLY B 26 14.19 18.18 23.30
N PHE B 27 13.29 19.08 22.93
CA PHE B 27 13.65 20.41 22.45
C PHE B 27 12.41 21.31 22.50
N ASN B 28 12.62 22.61 22.30
CA ASN B 28 11.54 23.59 22.31
C ASN B 28 11.23 23.90 20.85
N ILE B 29 9.98 23.71 20.45
CA ILE B 29 9.62 23.92 19.06
C ILE B 29 9.80 25.34 18.52
N LYS B 30 9.93 26.32 19.41
CA LYS B 30 10.10 27.69 18.94
C LYS B 30 11.47 27.88 18.26
N ASP B 31 12.39 26.95 18.50
CA ASP B 31 13.74 27.05 17.95
C ASP B 31 13.93 26.55 16.52
N THR B 32 12.93 25.87 15.97
CA THR B 32 13.03 25.34 14.61
C THR B 32 11.67 25.43 13.90
N TYR B 33 11.57 24.90 12.68
CA TYR B 33 10.33 24.93 11.91
C TYR B 33 9.68 23.55 11.97
N MET B 34 8.35 23.50 11.89
CA MET B 34 7.62 22.25 11.92
C MET B 34 6.82 22.05 10.63
N HIS B 35 7.12 20.96 9.94
CA HIS B 35 6.48 20.64 8.66
C HIS B 35 5.47 19.51 8.75
N TRP B 36 4.54 19.49 7.80
CA TRP B 36 3.53 18.44 7.69
C TRP B 36 3.58 17.94 6.24
N VAL B 37 3.56 16.61 6.07
CA VAL B 37 3.58 16.01 4.75
C VAL B 37 2.55 14.86 4.68
N LYS B 38 1.99 14.67 3.50
CA LYS B 38 0.96 13.66 3.23
C LYS B 38 1.51 12.53 2.36
N GLN B 39 0.97 11.34 2.58
CA GLN B 39 1.36 10.18 1.78
C GLN B 39 0.11 9.33 1.56
N ARG B 40 -0.43 9.42 0.35
CA ARG B 40 -1.62 8.65 0.01
C ARG B 40 -1.26 7.17 -0.06
N PRO B 41 -2.24 6.28 0.09
CA PRO B 41 -1.97 4.82 0.05
C PRO B 41 -1.14 4.41 -1.16
N GLU B 42 0.03 3.85 -0.91
CA GLU B 42 0.94 3.32 -1.92
C GLU B 42 1.51 4.44 -2.78
N GLN B 43 1.49 5.69 -2.36
CA GLN B 43 2.06 6.78 -3.16
C GLN B 43 3.25 7.41 -2.43
N GLY B 44 3.83 8.46 -3.02
CA GLY B 44 4.98 9.11 -2.42
C GLY B 44 4.68 10.20 -1.41
N LEU B 45 5.69 10.99 -1.08
CA LEU B 45 5.55 12.07 -0.12
C LEU B 45 5.16 13.37 -0.82
N GLU B 46 4.27 14.11 -0.18
CA GLU B 46 3.79 15.38 -0.72
C GLU B 46 3.79 16.39 0.41
N TRP B 47 4.53 17.48 0.23
CA TRP B 47 4.63 18.52 1.25
C TRP B 47 3.35 19.37 1.37
N ILE B 48 2.90 19.59 2.60
CA ILE B 48 1.69 20.38 2.84
C ILE B 48 2.02 21.84 3.20
N GLY B 49 2.80 22.03 4.25
CA GLY B 49 3.19 23.37 4.66
C GLY B 49 4.07 23.32 5.89
N ARG B 50 4.41 24.47 6.45
CA ARG B 50 5.27 24.53 7.65
C ARG B 50 4.98 25.77 8.48
N ILE B 51 5.34 25.70 9.76
CA ILE B 51 5.13 26.80 10.69
C ILE B 51 6.37 27.10 11.55
N ASP B 52 6.55 28.37 11.87
CA ASP B 52 7.63 28.87 12.74
C ASP B 52 6.89 29.11 14.05
N PRO B 53 6.98 28.19 15.01
CA PRO B 53 6.31 28.33 16.32
C PRO B 53 6.64 29.61 17.09
N ALA B 54 7.79 30.19 16.84
CA ALA B 54 8.22 31.40 17.53
C ALA B 54 7.31 32.60 17.28
N ASN B 55 6.68 32.65 16.11
CA ASN B 55 5.79 33.77 15.77
C ASN B 55 4.48 33.36 15.06
N GLY B 56 4.31 32.06 14.82
CA GLY B 56 3.11 31.55 14.18
C GLY B 56 3.05 31.69 12.66
N ASN B 57 4.15 32.12 12.03
CA ASN B 57 4.18 32.29 10.59
C ASN B 57 4.12 30.95 9.87
N THR B 58 3.28 30.87 8.83
CA THR B 58 3.10 29.64 8.09
C THR B 58 3.32 29.83 6.59
N LYS B 59 3.59 28.73 5.90
CA LYS B 59 3.75 28.72 4.45
C LYS B 59 3.09 27.41 4.02
N TYR B 60 2.35 27.45 2.92
CA TYR B 60 1.67 26.26 2.42
C TYR B 60 1.98 26.07 0.95
N ASP B 61 1.77 24.86 0.47
CA ASP B 61 1.93 24.56 -0.95
C ASP B 61 0.55 24.99 -1.45
N PRO B 62 0.50 25.70 -2.57
CA PRO B 62 -0.77 26.16 -3.13
C PRO B 62 -1.85 25.07 -3.25
N LYS B 63 -1.42 23.84 -3.51
CA LYS B 63 -2.35 22.72 -3.65
C LYS B 63 -3.14 22.41 -2.37
N PHE B 64 -2.73 22.98 -1.24
CA PHE B 64 -3.41 22.72 0.03
C PHE B 64 -3.93 24.01 0.64
N GLN B 65 -3.92 25.11 -0.11
CA GLN B 65 -4.37 26.39 0.43
C GLN B 65 -5.72 26.33 1.15
N GLY B 66 -6.76 25.90 0.44
CA GLY B 66 -8.09 25.85 1.07
C GLY B 66 -8.46 24.51 1.69
N LYS B 67 -7.45 23.76 2.14
CA LYS B 67 -7.67 22.44 2.71
C LYS B 67 -7.03 22.32 4.09
N ALA B 68 -5.81 22.83 4.22
CA ALA B 68 -5.08 22.72 5.47
C ALA B 68 -4.77 24.02 6.19
N THR B 69 -4.79 23.95 7.52
CA THR B 69 -4.46 25.07 8.38
C THR B 69 -3.53 24.50 9.46
N ILE B 70 -2.34 25.10 9.60
CA ILE B 70 -1.33 24.65 10.55
C ILE B 70 -1.16 25.65 11.70
N THR B 71 -1.07 25.12 12.92
CA THR B 71 -0.91 25.95 14.10
C THR B 71 0.07 25.32 15.07
N ALA B 72 0.51 26.09 16.06
CA ALA B 72 1.44 25.59 17.06
C ALA B 72 1.15 26.22 18.42
N ASP B 73 1.45 25.49 19.48
CA ASP B 73 1.26 25.95 20.85
C ASP B 73 2.56 25.66 21.60
N THR B 74 3.37 26.70 21.83
CA THR B 74 4.64 26.49 22.52
C THR B 74 4.48 26.06 23.98
N SER B 75 3.34 26.32 24.58
CA SER B 75 3.08 25.93 25.97
C SER B 75 3.05 24.41 26.14
N SER B 76 2.58 23.70 25.13
CA SER B 76 2.51 22.25 25.16
C SER B 76 3.56 21.66 24.23
N ASN B 77 4.27 22.55 23.51
CA ASN B 77 5.32 22.16 22.59
C ASN B 77 4.73 21.22 21.52
N THR B 78 3.54 21.58 21.03
CA THR B 78 2.82 20.79 20.05
C THR B 78 2.40 21.59 18.79
N ALA B 79 2.34 20.90 17.65
CA ALA B 79 1.92 21.48 16.37
C ALA B 79 0.64 20.76 15.93
N TYR B 80 -0.21 21.44 15.18
CA TYR B 80 -1.48 20.88 14.72
C TYR B 80 -1.70 21.05 13.22
N LEU B 81 -2.47 20.11 12.66
CA LEU B 81 -2.84 20.10 11.25
C LEU B 81 -4.35 19.94 11.25
N GLN B 82 -5.05 20.93 10.74
CA GLN B 82 -6.49 20.90 10.68
C GLN B 82 -6.87 20.77 9.20
N LEU B 83 -7.56 19.69 8.86
CA LEU B 83 -7.97 19.45 7.48
C LEU B 83 -9.49 19.65 7.38
N SER B 84 -9.89 20.55 6.48
CA SER B 84 -11.30 20.87 6.29
C SER B 84 -11.98 20.20 5.10
N SER B 85 -13.31 20.27 5.11
CA SER B 85 -14.17 19.70 4.06
C SER B 85 -13.64 18.40 3.46
N LEU B 86 -13.41 17.44 4.33
CA LEU B 86 -12.89 16.13 3.96
C LEU B 86 -13.59 15.36 2.82
N THR B 87 -12.79 14.80 1.91
CA THR B 87 -13.29 13.98 0.80
C THR B 87 -12.41 12.73 0.81
N SER B 88 -12.68 11.79 -0.09
CA SER B 88 -11.91 10.57 -0.17
C SER B 88 -10.45 10.89 -0.47
N GLU B 89 -10.22 11.98 -1.21
CA GLU B 89 -8.88 12.42 -1.59
C GLU B 89 -7.97 12.67 -0.37
N ASP B 90 -8.59 12.93 0.78
CA ASP B 90 -7.85 13.20 2.00
C ASP B 90 -7.42 11.97 2.78
N THR B 91 -7.87 10.78 2.38
CA THR B 91 -7.46 9.55 3.06
C THR B 91 -5.95 9.37 2.80
N ALA B 92 -5.17 9.32 3.88
CA ALA B 92 -3.72 9.18 3.77
C ALA B 92 -3.08 9.09 5.15
N VAL B 93 -1.75 9.00 5.17
CA VAL B 93 -1.01 8.99 6.42
C VAL B 93 -0.36 10.37 6.41
N TYR B 94 -0.47 11.08 7.52
CA TYR B 94 0.09 12.43 7.65
C TYR B 94 1.27 12.44 8.61
N TYR B 95 2.38 12.99 8.12
CA TYR B 95 3.60 13.06 8.92
C TYR B 95 3.92 14.47 9.37
N CYS B 96 4.67 14.54 10.45
CA CYS B 96 5.12 15.79 11.04
C CYS B 96 6.64 15.67 11.10
N ALA B 97 7.35 16.71 10.67
CA ALA B 97 8.80 16.71 10.69
C ALA B 97 9.33 18.00 11.27
N SER B 98 10.46 17.91 11.97
CA SER B 98 11.06 19.10 12.56
C SER B 98 12.55 18.88 12.68
N TYR B 99 13.25 19.83 13.29
CA TYR B 99 14.70 19.75 13.45
C TYR B 99 15.37 19.43 12.11
N TYR B 100 14.95 20.14 11.07
CA TYR B 100 15.46 20.01 9.71
C TYR B 100 15.23 18.70 8.95
N GLY B 101 14.30 17.90 9.43
CA GLY B 101 14.01 16.65 8.77
C GLY B 101 14.72 15.51 9.48
N ILE B 102 15.55 15.83 10.48
CA ILE B 102 16.27 14.82 11.21
C ILE B 102 15.25 13.98 11.96
N TYR B 103 14.25 14.65 12.52
CA TYR B 103 13.21 13.97 13.27
C TYR B 103 11.83 14.01 12.62
N TRP B 104 11.22 12.83 12.52
CA TRP B 104 9.90 12.63 11.95
C TRP B 104 9.00 11.93 12.95
N GLY B 105 7.70 12.20 12.85
CA GLY B 105 6.74 11.56 13.72
C GLY B 105 6.44 10.20 13.12
N GLN B 106 5.78 9.34 13.87
CA GLN B 106 5.45 8.00 13.36
C GLN B 106 4.38 8.04 12.27
N GLY B 107 3.63 9.14 12.20
CA GLY B 107 2.58 9.26 11.20
C GLY B 107 1.21 9.01 11.81
N THR B 108 0.18 9.62 11.24
CA THR B 108 -1.21 9.47 11.70
C THR B 108 -2.10 9.15 10.49
N THR B 109 -2.76 7.99 10.56
CA THR B 109 -3.63 7.54 9.49
C THR B 109 -5.02 8.16 9.59
N LEU B 110 -5.46 8.76 8.49
CA LEU B 110 -6.77 9.40 8.41
C LEU B 110 -7.55 8.65 7.34
N THR B 111 -8.73 8.16 7.72
CA THR B 111 -9.58 7.45 6.78
C THR B 111 -10.90 8.20 6.72
N VAL B 112 -11.23 8.68 5.52
CA VAL B 112 -12.46 9.42 5.30
C VAL B 112 -13.51 8.48 4.71
N SER B 113 -14.59 8.29 5.46
CA SER B 113 -15.67 7.39 5.06
C SER B 113 -16.98 7.78 5.78
N SER B 114 -18.10 7.71 5.07
CA SER B 114 -19.40 8.04 5.66
C SER B 114 -20.08 6.85 6.29
N ALA B 115 -19.44 5.69 6.14
CA ALA B 115 -19.97 4.43 6.64
C ALA B 115 -19.96 4.29 8.14
N SER B 116 -20.94 3.56 8.63
CA SER B 116 -21.06 3.26 10.06
C SER B 116 -20.45 1.87 10.20
N THR B 117 -20.20 1.47 11.44
CA THR B 117 -19.63 0.16 11.69
C THR B 117 -20.52 -0.91 11.04
N LYS B 118 -19.87 -1.84 10.33
CA LYS B 118 -20.58 -2.91 9.66
C LYS B 118 -19.69 -4.16 9.57
N GLY B 119 -20.25 -5.32 9.88
CA GLY B 119 -19.49 -6.55 9.80
C GLY B 119 -19.41 -6.92 8.35
N PRO B 120 -18.50 -7.83 7.96
CA PRO B 120 -18.38 -8.26 6.56
C PRO B 120 -19.33 -9.38 6.12
N SER B 121 -19.39 -9.59 4.81
CA SER B 121 -20.16 -10.67 4.19
C SER B 121 -19.04 -11.59 3.70
N VAL B 122 -19.13 -12.90 3.95
CA VAL B 122 -18.08 -13.83 3.54
C VAL B 122 -18.52 -14.84 2.47
N PHE B 123 -17.90 -14.78 1.30
CA PHE B 123 -18.22 -15.66 0.17
C PHE B 123 -17.01 -16.59 -0.17
N PRO B 124 -17.31 -17.81 -0.59
CA PRO B 124 -16.22 -18.74 -0.93
C PRO B 124 -15.64 -18.52 -2.33
N LEU B 125 -14.38 -18.87 -2.48
CA LEU B 125 -13.67 -18.80 -3.75
C LEU B 125 -13.34 -20.27 -3.90
N ALA B 126 -14.32 -21.02 -4.37
CA ALA B 126 -14.25 -22.46 -4.53
C ALA B 126 -13.14 -23.05 -5.41
N PRO B 127 -12.52 -24.14 -4.94
CA PRO B 127 -11.44 -24.79 -5.71
C PRO B 127 -12.14 -25.46 -6.88
N SER B 128 -11.57 -25.30 -8.06
CA SER B 128 -12.19 -25.89 -9.25
C SER B 128 -11.26 -26.88 -9.91
N SER B 129 -11.83 -27.86 -10.62
CA SER B 129 -11.05 -28.87 -11.32
C SER B 129 -10.22 -28.22 -12.41
N LYS B 130 -10.77 -27.16 -12.99
CA LYS B 130 -10.10 -26.41 -14.04
C LYS B 130 -8.97 -25.57 -13.45
N SER B 131 -9.14 -25.12 -12.20
CA SER B 131 -8.15 -24.32 -11.51
C SER B 131 -7.26 -25.17 -10.60
N THR B 132 -6.92 -26.36 -11.09
CA THR B 132 -6.08 -27.32 -10.36
C THR B 132 -4.94 -27.77 -11.29
N SER B 133 -3.72 -27.84 -10.76
CA SER B 133 -2.55 -28.25 -11.54
C SER B 133 -1.51 -28.89 -10.64
N GLY B 134 -0.80 -29.88 -11.18
CA GLY B 134 0.27 -30.54 -10.44
C GLY B 134 -0.02 -31.13 -9.07
N GLY B 135 -1.31 -31.33 -8.78
CA GLY B 135 -1.68 -31.90 -7.50
C GLY B 135 -2.07 -30.87 -6.46
N THR B 136 -2.18 -29.60 -6.86
CA THR B 136 -2.57 -28.54 -5.95
C THR B 136 -3.79 -27.77 -6.45
N ALA B 137 -4.64 -27.38 -5.52
CA ALA B 137 -5.82 -26.59 -5.84
C ALA B 137 -5.74 -25.30 -5.04
N ALA B 138 -6.28 -24.23 -5.59
CA ALA B 138 -6.30 -22.95 -4.89
C ALA B 138 -7.75 -22.69 -4.51
N LEU B 139 -7.96 -22.19 -3.30
CA LEU B 139 -9.29 -21.90 -2.79
C LEU B 139 -9.14 -20.70 -1.85
N GLY B 140 -10.26 -20.08 -1.48
CA GLY B 140 -10.20 -18.92 -0.61
C GLY B 140 -11.55 -18.38 -0.16
N CYS B 141 -11.52 -17.21 0.45
CA CYS B 141 -12.71 -16.53 0.97
C CYS B 141 -12.64 -15.04 0.65
N LEU B 142 -13.74 -14.50 0.14
CA LEU B 142 -13.83 -13.08 -0.18
C LEU B 142 -14.58 -12.43 1.00
N VAL B 143 -13.90 -11.59 1.78
CA VAL B 143 -14.58 -10.91 2.89
C VAL B 143 -14.89 -9.47 2.39
N LYS B 144 -16.16 -9.25 2.11
CA LYS B 144 -16.60 -7.99 1.53
C LYS B 144 -17.51 -7.10 2.36
N ASP B 145 -17.37 -5.79 2.13
CA ASP B 145 -18.16 -4.74 2.76
C ASP B 145 -18.18 -4.65 4.27
N TYR B 146 -17.03 -4.32 4.85
CA TYR B 146 -16.96 -4.17 6.29
C TYR B 146 -16.32 -2.83 6.61
N PHE B 147 -16.59 -2.32 7.82
CA PHE B 147 -16.01 -1.05 8.28
C PHE B 147 -16.04 -1.06 9.82
N PRO B 148 -14.92 -0.68 10.44
CA PRO B 148 -13.68 -0.28 9.77
C PRO B 148 -12.64 -1.41 9.77
N GLU B 149 -11.39 -1.06 9.53
CA GLU B 149 -10.29 -2.00 9.53
C GLU B 149 -10.06 -2.25 11.05
N PRO B 150 -9.49 -3.39 11.44
CA PRO B 150 -9.02 -4.54 10.66
C PRO B 150 -9.93 -5.77 10.81
N VAL B 151 -9.63 -6.78 10.01
CA VAL B 151 -10.39 -8.03 10.02
C VAL B 151 -9.33 -9.14 10.17
N THR B 152 -9.66 -10.22 10.86
CA THR B 152 -8.71 -11.31 11.05
C THR B 152 -9.24 -12.51 10.29
N VAL B 153 -8.38 -13.16 9.51
CA VAL B 153 -8.79 -14.35 8.76
C VAL B 153 -7.84 -15.51 9.11
N SER B 154 -8.45 -16.62 9.52
CA SER B 154 -7.72 -17.81 9.91
C SER B 154 -8.24 -18.95 9.05
N TRP B 155 -7.48 -20.04 8.98
CA TRP B 155 -7.89 -21.20 8.19
C TRP B 155 -7.84 -22.44 9.05
N ASN B 156 -8.96 -23.17 9.07
CA ASN B 156 -9.12 -24.37 9.87
C ASN B 156 -8.68 -24.12 11.31
N SER B 157 -9.27 -23.07 11.90
CA SER B 157 -8.99 -22.65 13.26
C SER B 157 -7.51 -22.42 13.54
N GLY B 158 -6.82 -21.90 12.54
CA GLY B 158 -5.41 -21.60 12.68
C GLY B 158 -4.46 -22.76 12.47
N ALA B 159 -4.99 -23.95 12.18
CA ALA B 159 -4.12 -25.12 11.98
C ALA B 159 -3.48 -25.09 10.58
N LEU B 160 -3.96 -24.18 9.74
CA LEU B 160 -3.45 -24.04 8.38
C LEU B 160 -2.85 -22.64 8.23
N THR B 161 -1.53 -22.58 8.08
CA THR B 161 -0.83 -21.30 7.91
C THR B 161 0.02 -21.25 6.64
N SER B 162 0.57 -22.39 6.26
CA SER B 162 1.41 -22.50 5.07
C SER B 162 0.62 -22.27 3.78
N GLY B 163 1.21 -21.49 2.88
CA GLY B 163 0.59 -21.22 1.60
C GLY B 163 -0.55 -20.22 1.58
N VAL B 164 -0.86 -19.63 2.74
CA VAL B 164 -1.95 -18.66 2.88
C VAL B 164 -1.49 -17.27 2.48
N HIS B 165 -2.32 -16.57 1.73
CA HIS B 165 -2.01 -15.19 1.31
C HIS B 165 -3.26 -14.39 1.58
N THR B 166 -3.23 -13.54 2.61
CA THR B 166 -4.39 -12.70 2.93
C THR B 166 -3.95 -11.34 2.44
N PHE B 167 -4.65 -10.85 1.43
CA PHE B 167 -4.34 -9.57 0.82
C PHE B 167 -4.76 -8.35 1.62
N PRO B 168 -4.02 -7.25 1.49
CA PRO B 168 -4.35 -6.02 2.21
C PRO B 168 -5.71 -5.53 1.71
N ALA B 169 -6.50 -4.95 2.59
CA ALA B 169 -7.82 -4.45 2.23
C ALA B 169 -7.82 -3.27 1.26
N VAL B 170 -8.87 -3.22 0.45
CA VAL B 170 -9.07 -2.14 -0.51
C VAL B 170 -10.31 -1.34 -0.07
N LEU B 171 -10.15 -0.01 0.10
CA LEU B 171 -11.28 0.84 0.48
C LEU B 171 -12.06 1.12 -0.79
N GLN B 172 -13.29 0.65 -0.85
CA GLN B 172 -14.14 0.84 -2.02
C GLN B 172 -14.81 2.21 -1.99
N SER B 173 -15.43 2.59 -3.10
CA SER B 173 -16.12 3.87 -3.21
C SER B 173 -17.26 4.02 -2.20
N SER B 174 -17.77 2.89 -1.73
CA SER B 174 -18.85 2.82 -0.76
C SER B 174 -18.38 3.18 0.63
N GLY B 175 -17.09 3.37 0.79
CA GLY B 175 -16.54 3.70 2.09
C GLY B 175 -16.41 2.42 2.92
N LEU B 176 -16.49 1.30 2.22
CA LEU B 176 -16.40 -0.04 2.80
C LEU B 176 -15.17 -0.78 2.29
N TYR B 177 -14.64 -1.67 3.11
CA TYR B 177 -13.46 -2.46 2.75
C TYR B 177 -13.82 -3.87 2.27
N SER B 178 -12.89 -4.48 1.54
CA SER B 178 -13.02 -5.83 1.05
C SER B 178 -11.63 -6.39 0.82
N LEU B 179 -11.47 -7.69 0.98
CA LEU B 179 -10.18 -8.33 0.78
C LEU B 179 -10.41 -9.81 0.54
N SER B 180 -9.41 -10.45 -0.04
CA SER B 180 -9.46 -11.87 -0.30
C SER B 180 -8.34 -12.57 0.45
N SER B 181 -8.62 -13.79 0.86
CA SER B 181 -7.66 -14.62 1.57
C SER B 181 -7.72 -15.96 0.84
N VAL B 182 -6.60 -16.33 0.24
CA VAL B 182 -6.50 -17.56 -0.53
C VAL B 182 -5.42 -18.47 0.05
N VAL B 183 -5.48 -19.73 -0.34
CA VAL B 183 -4.50 -20.71 0.08
C VAL B 183 -4.45 -21.83 -0.95
N THR B 184 -3.26 -22.35 -1.18
CA THR B 184 -3.10 -23.45 -2.12
C THR B 184 -2.90 -24.68 -1.26
N VAL B 185 -3.58 -25.78 -1.61
CA VAL B 185 -3.51 -27.03 -0.84
C VAL B 185 -3.45 -28.24 -1.79
N PRO B 186 -3.14 -29.42 -1.25
CA PRO B 186 -3.08 -30.63 -2.08
C PRO B 186 -4.52 -30.88 -2.53
N SER B 187 -4.73 -31.11 -3.82
CA SER B 187 -6.08 -31.36 -4.31
C SER B 187 -6.64 -32.66 -3.74
N SER B 188 -5.75 -33.56 -3.33
CA SER B 188 -6.18 -34.84 -2.79
C SER B 188 -6.93 -34.67 -1.46
N SER B 189 -6.46 -33.74 -0.62
CA SER B 189 -7.08 -33.50 0.68
C SER B 189 -8.55 -33.07 0.58
N LEU B 190 -8.96 -32.63 -0.61
CA LEU B 190 -10.34 -32.20 -0.83
C LEU B 190 -11.32 -33.39 -0.77
N GLY B 191 -10.77 -34.59 -0.61
CA GLY B 191 -11.57 -35.79 -0.52
C GLY B 191 -11.67 -36.33 0.91
N THR B 192 -11.07 -35.65 1.88
CA THR B 192 -11.13 -36.08 3.28
C THR B 192 -11.39 -34.95 4.27
N GLN B 193 -11.35 -33.71 3.80
CA GLN B 193 -11.62 -32.57 4.69
C GLN B 193 -12.25 -31.41 3.93
N THR B 194 -12.90 -30.54 4.68
CA THR B 194 -13.55 -29.33 4.14
C THR B 194 -12.74 -28.17 4.70
N TYR B 195 -12.37 -27.23 3.84
CA TYR B 195 -11.62 -26.09 4.28
C TYR B 195 -12.57 -25.00 4.74
N ILE B 196 -12.24 -24.38 5.87
CA ILE B 196 -13.06 -23.30 6.38
C ILE B 196 -12.21 -22.11 6.80
N CYS B 197 -12.64 -20.92 6.41
CA CYS B 197 -11.92 -19.72 6.79
C CYS B 197 -12.69 -19.15 7.98
N ASN B 198 -11.96 -18.75 9.00
CA ASN B 198 -12.52 -18.18 10.21
C ASN B 198 -12.25 -16.68 10.17
N VAL B 199 -13.30 -15.90 9.87
CA VAL B 199 -13.18 -14.45 9.79
C VAL B 199 -13.71 -13.81 11.07
N ASN B 200 -12.97 -12.85 11.60
CA ASN B 200 -13.36 -12.15 12.82
C ASN B 200 -13.18 -10.64 12.65
N HIS B 201 -14.25 -9.91 12.93
CA HIS B 201 -14.25 -8.45 12.83
C HIS B 201 -14.67 -7.90 14.18
N LYS B 202 -13.70 -7.54 14.99
CA LYS B 202 -13.96 -7.04 16.33
C LYS B 202 -14.87 -5.82 16.49
N PRO B 203 -14.70 -4.75 15.69
CA PRO B 203 -15.56 -3.57 15.85
C PRO B 203 -17.06 -3.82 15.78
N SER B 204 -17.47 -4.87 15.08
CA SER B 204 -18.88 -5.21 14.95
C SER B 204 -19.16 -6.54 15.62
N ASN B 205 -18.12 -7.15 16.19
CA ASN B 205 -18.20 -8.43 16.85
C ASN B 205 -18.81 -9.49 15.94
N THR B 206 -18.34 -9.52 14.70
CA THR B 206 -18.83 -10.47 13.71
C THR B 206 -17.83 -11.59 13.54
N LYS B 207 -18.24 -12.81 13.86
CA LYS B 207 -17.38 -13.98 13.70
C LYS B 207 -18.13 -14.88 12.72
N VAL B 208 -17.43 -15.29 11.66
CA VAL B 208 -18.02 -16.15 10.63
C VAL B 208 -17.03 -17.29 10.29
N ASP B 209 -17.57 -18.49 10.13
CA ASP B 209 -16.76 -19.65 9.75
C ASP B 209 -17.40 -20.08 8.43
N LYS B 210 -16.67 -19.94 7.33
CA LYS B 210 -17.21 -20.30 6.02
C LYS B 210 -16.57 -21.51 5.39
N LYS B 211 -17.42 -22.49 5.08
CA LYS B 211 -16.96 -23.69 4.42
C LYS B 211 -16.77 -23.38 2.93
N VAL B 212 -15.65 -23.82 2.38
CA VAL B 212 -15.37 -23.63 0.97
C VAL B 212 -15.16 -24.98 0.28
N GLU B 213 -16.25 -25.50 -0.27
CA GLU B 213 -16.25 -26.79 -0.98
C GLU B 213 -16.05 -26.57 -2.47
N PRO B 214 -15.57 -27.60 -3.19
CA PRO B 214 -15.33 -27.54 -4.64
C PRO B 214 -16.60 -27.22 -5.40
N LYS B 215 -16.44 -26.48 -6.48
CA LYS B 215 -17.51 -26.06 -7.35
C LYS B 215 -16.79 -25.86 -8.67
N SER B 216 -16.82 -26.86 -9.53
CA SER B 216 -16.14 -26.78 -10.81
C SER B 216 -16.87 -26.06 -11.92
N CYS B 217 -16.18 -25.04 -12.43
CA CYS B 217 -16.61 -24.17 -13.52
C CYS B 217 -15.51 -23.10 -13.64
#